data_1K9G
# 
_entry.id   1K9G 
# 
_audit_conform.dict_name       mmcif_pdbx.dic 
_audit_conform.dict_version    5.386 
_audit_conform.dict_location   http://mmcif.pdb.org/dictionaries/ascii/mmcif_pdbx.dic 
# 
loop_
_database_2.database_id 
_database_2.database_code 
_database_2.pdbx_database_accession 
_database_2.pdbx_DOI 
PDB   1K9G         pdb_00001k9g 10.2210/pdb1k9g/pdb 
NDB   DD0047       ?            ?                   
RCSB  RCSB014726   ?            ?                   
WWPDB D_1000014726 ?            ?                   
# 
loop_
_pdbx_audit_revision_history.ordinal 
_pdbx_audit_revision_history.data_content_type 
_pdbx_audit_revision_history.major_revision 
_pdbx_audit_revision_history.minor_revision 
_pdbx_audit_revision_history.revision_date 
1 'Structure model' 1 0 2001-11-30 
2 'Structure model' 1 1 2008-04-27 
3 'Structure model' 1 2 2011-07-13 
4 'Structure model' 1 3 2024-02-07 
# 
_pdbx_audit_revision_details.ordinal             1 
_pdbx_audit_revision_details.revision_ordinal    1 
_pdbx_audit_revision_details.data_content_type   'Structure model' 
_pdbx_audit_revision_details.provider            repository 
_pdbx_audit_revision_details.type                'Initial release' 
_pdbx_audit_revision_details.description         ? 
_pdbx_audit_revision_details.details             ? 
# 
loop_
_pdbx_audit_revision_group.ordinal 
_pdbx_audit_revision_group.revision_ordinal 
_pdbx_audit_revision_group.data_content_type 
_pdbx_audit_revision_group.group 
1 2 'Structure model' 'Version format compliance' 
2 3 'Structure model' 'Version format compliance' 
3 4 'Structure model' 'Data collection'           
4 4 'Structure model' 'Database references'       
5 4 'Structure model' 'Derived calculations'      
6 4 'Structure model' 'Refinement description'    
# 
loop_
_pdbx_audit_revision_category.ordinal 
_pdbx_audit_revision_category.revision_ordinal 
_pdbx_audit_revision_category.data_content_type 
_pdbx_audit_revision_category.category 
1 4 'Structure model' chem_comp_atom 
2 4 'Structure model' chem_comp_bond 
3 4 'Structure model' database_2     
4 4 'Structure model' diffrn_source  
5 4 'Structure model' software       
6 4 'Structure model' struct_site    
# 
loop_
_pdbx_audit_revision_item.ordinal 
_pdbx_audit_revision_item.revision_ordinal 
_pdbx_audit_revision_item.data_content_type 
_pdbx_audit_revision_item.item 
1 4 'Structure model' '_database_2.pdbx_DOI'                 
2 4 'Structure model' '_database_2.pdbx_database_accession'  
3 4 'Structure model' '_diffrn_source.pdbx_synchrotron_site' 
4 4 'Structure model' '_software.classification'             
5 4 'Structure model' '_software.name'                       
6 4 'Structure model' '_struct_site.pdbx_auth_asym_id'       
7 4 'Structure model' '_struct_site.pdbx_auth_comp_id'       
8 4 'Structure model' '_struct_site.pdbx_auth_seq_id'        
# 
_pdbx_database_status.status_code                     REL 
_pdbx_database_status.entry_id                        1K9G 
_pdbx_database_status.recvd_initial_deposition_date   2001-10-29 
_pdbx_database_status.deposit_site                    RCSB 
_pdbx_database_status.process_site                    RCSB 
_pdbx_database_status.SG_entry                        . 
_pdbx_database_status.pdb_format_compatible           Y 
_pdbx_database_status.status_code_mr                  ? 
_pdbx_database_status.status_code_sf                  ? 
_pdbx_database_status.status_code_cs                  ? 
_pdbx_database_status.status_code_nmr_data            ? 
_pdbx_database_status.methods_development_category    ? 
# 
loop_
_audit_author.name 
_audit_author.pdbx_ordinal 
'Lisgarten, J.N.' 1 
'Coll, M.'        2 
'Portugal, J.'    3 
'Wright, C.W.'    4 
'Aymami, J.'      5 
# 
_citation.id                        primary 
_citation.title                     
'The antimalarial and cytotoxic drug cryptolepine intercalates into DNA at cytosine-cytosine sites.' 
_citation.journal_abbrev            Nat.Struct.Biol. 
_citation.journal_volume            9 
_citation.page_first                57 
_citation.page_last                 60 
_citation.year                      2002 
_citation.journal_id_ASTM           NSBIEW 
_citation.country                   US 
_citation.journal_id_ISSN           1072-8368 
_citation.journal_id_CSD            2024 
_citation.book_publisher            ? 
_citation.pdbx_database_id_PubMed   11731803 
_citation.pdbx_database_id_DOI      10.1038/nsb729 
# 
loop_
_citation_author.citation_id 
_citation_author.name 
_citation_author.ordinal 
_citation_author.identifier_ORCID 
primary 'Lisgarten, J.N.' 1 ? 
primary 'Coll, M.'        2 ? 
primary 'Portugal, J.'    3 ? 
primary 'Wright, C.W.'    4 ? 
primary 'Aymami, J.'      5 ? 
# 
loop_
_entity.id 
_entity.type 
_entity.src_method 
_entity.pdbx_description 
_entity.formula_weight 
_entity.pdbx_number_of_molecules 
_entity.pdbx_ec 
_entity.pdbx_mutation 
_entity.pdbx_fragment 
_entity.details 
1 polymer     syn "5'-D(*CP*CP*TP*AP*GP*G)-3'"         1809.217 1  ? ? ? ? 
2 non-polymer syn '5-METHYL-5H-INDOLO[3,2-B]QUINOLINE' 232.280  2  ? ? ? ? 
3 water       nat water                                18.015   37 ? ? ? ? 
# 
_entity_poly.entity_id                      1 
_entity_poly.type                           polydeoxyribonucleotide 
_entity_poly.nstd_linkage                   no 
_entity_poly.nstd_monomer                   no 
_entity_poly.pdbx_seq_one_letter_code       '(DC)(DC)(DT)(DA)(DG)(DG)' 
_entity_poly.pdbx_seq_one_letter_code_can   CCTAGG 
_entity_poly.pdbx_strand_id                 A 
_entity_poly.pdbx_target_identifier         ? 
# 
loop_
_pdbx_entity_nonpoly.entity_id 
_pdbx_entity_nonpoly.name 
_pdbx_entity_nonpoly.comp_id 
2 '5-METHYL-5H-INDOLO[3,2-B]QUINOLINE' DR1 
3 water                                HOH 
# 
loop_
_entity_poly_seq.entity_id 
_entity_poly_seq.num 
_entity_poly_seq.mon_id 
_entity_poly_seq.hetero 
1 1 DC n 
1 2 DC n 
1 3 DT n 
1 4 DA n 
1 5 DG n 
1 6 DG n 
# 
loop_
_chem_comp.id 
_chem_comp.type 
_chem_comp.mon_nstd_flag 
_chem_comp.name 
_chem_comp.pdbx_synonyms 
_chem_comp.formula 
_chem_comp.formula_weight 
DA  'DNA linking' y "2'-DEOXYADENOSINE-5'-MONOPHOSPHATE" ?            'C10 H14 N5 O6 P' 331.222 
DC  'DNA linking' y "2'-DEOXYCYTIDINE-5'-MONOPHOSPHATE"  ?            'C9 H14 N3 O7 P'  307.197 
DG  'DNA linking' y "2'-DEOXYGUANOSINE-5'-MONOPHOSPHATE" ?            'C10 H14 N5 O7 P' 347.221 
DR1 non-polymer   . '5-METHYL-5H-INDOLO[3,2-B]QUINOLINE' CRYPTOLEPINE 'C16 H12 N2'      232.280 
DT  'DNA linking' y "THYMIDINE-5'-MONOPHOSPHATE"         ?            'C10 H15 N2 O8 P' 322.208 
HOH non-polymer   . WATER                                ?            'H2 O'            18.015  
# 
loop_
_pdbx_poly_seq_scheme.asym_id 
_pdbx_poly_seq_scheme.entity_id 
_pdbx_poly_seq_scheme.seq_id 
_pdbx_poly_seq_scheme.mon_id 
_pdbx_poly_seq_scheme.ndb_seq_num 
_pdbx_poly_seq_scheme.pdb_seq_num 
_pdbx_poly_seq_scheme.auth_seq_num 
_pdbx_poly_seq_scheme.pdb_mon_id 
_pdbx_poly_seq_scheme.auth_mon_id 
_pdbx_poly_seq_scheme.pdb_strand_id 
_pdbx_poly_seq_scheme.pdb_ins_code 
_pdbx_poly_seq_scheme.hetero 
A 1 1 DC 1 1 1 DC CYT A . n 
A 1 2 DC 2 2 2 DC CYT A . n 
A 1 3 DT 3 3 3 DT THY A . n 
A 1 4 DA 4 4 4 DA ADE A . n 
A 1 5 DG 5 5 5 DG GUA A . n 
A 1 6 DG 6 6 6 DG GUA A . n 
# 
loop_
_pdbx_nonpoly_scheme.asym_id 
_pdbx_nonpoly_scheme.entity_id 
_pdbx_nonpoly_scheme.mon_id 
_pdbx_nonpoly_scheme.ndb_seq_num 
_pdbx_nonpoly_scheme.pdb_seq_num 
_pdbx_nonpoly_scheme.auth_seq_num 
_pdbx_nonpoly_scheme.pdb_mon_id 
_pdbx_nonpoly_scheme.auth_mon_id 
_pdbx_nonpoly_scheme.pdb_strand_id 
_pdbx_nonpoly_scheme.pdb_ins_code 
B 2 DR1 1  7    7    DR1 DR1 A . 
C 2 DR1 1  8    8    DR1 DR1 A . 
D 3 HOH 1  3001 3001 HOH HOH A . 
D 3 HOH 2  3002 3002 HOH HOH A . 
D 3 HOH 3  3003 3003 HOH HOH A . 
D 3 HOH 4  3004 3004 HOH HOH A . 
D 3 HOH 5  3005 3005 HOH HOH A . 
D 3 HOH 6  3006 3006 HOH HOH A . 
D 3 HOH 7  3007 3007 HOH HOH A . 
D 3 HOH 8  3008 3008 HOH HOH A . 
D 3 HOH 9  3009 3009 HOH HOH A . 
D 3 HOH 10 3010 3010 HOH HOH A . 
D 3 HOH 11 3011 3011 HOH HOH A . 
D 3 HOH 12 3012 3012 HOH HOH A . 
D 3 HOH 13 3013 3013 HOH HOH A . 
D 3 HOH 14 3014 3014 HOH HOH A . 
D 3 HOH 15 3015 3015 HOH HOH A . 
D 3 HOH 16 3016 3016 HOH HOH A . 
D 3 HOH 17 3017 3017 HOH HOH A . 
D 3 HOH 18 3018 3018 HOH HOH A . 
D 3 HOH 19 3019 3019 HOH HOH A . 
D 3 HOH 20 3020 3020 HOH HOH A . 
D 3 HOH 21 3021 3021 HOH HOH A . 
D 3 HOH 22 3022 3022 HOH HOH A . 
D 3 HOH 23 3023 3023 HOH HOH A . 
D 3 HOH 24 3026 3026 HOH HOH A . 
D 3 HOH 25 3027 3027 HOH HOH A . 
D 3 HOH 26 3028 3028 HOH HOH A . 
D 3 HOH 27 3029 3029 HOH HOH A . 
D 3 HOH 28 3030 3030 HOH HOH A . 
D 3 HOH 29 3031 3031 HOH HOH A . 
D 3 HOH 30 3032 3032 HOH HOH A . 
D 3 HOH 31 3033 3033 HOH HOH A . 
D 3 HOH 32 3034 3034 HOH HOH A . 
D 3 HOH 33 3035 3035 HOH HOH A . 
D 3 HOH 34 3036 3036 HOH HOH A . 
D 3 HOH 35 3037 3037 HOH HOH A . 
D 3 HOH 36 3038 3038 HOH HOH A . 
D 3 HOH 37 3039 3039 HOH HOH A . 
# 
loop_
_software.name 
_software.classification 
_software.version 
_software.citation_id 
_software.pdbx_ordinal 
AMoRE     phasing           . ? 1 
SHELXL-97 refinement        . ? 2 
MAR345    'data collection' . ? 3 
SCALEPACK 'data scaling'    . ? 4 
# 
_cell.entry_id           1K9G 
_cell.length_a           29.960 
_cell.length_b           29.960 
_cell.length_c           39.650 
_cell.angle_alpha        90.00 
_cell.angle_beta         90.00 
_cell.angle_gamma        120.00 
_cell.Z_PDB              6 
_cell.pdbx_unique_axis   ? 
# 
_symmetry.entry_id                         1K9G 
_symmetry.space_group_name_H-M             'P 64' 
_symmetry.pdbx_full_space_group_name_H-M   ? 
_symmetry.cell_setting                     ? 
_symmetry.Int_Tables_number                172 
# 
_exptl.entry_id          1K9G 
_exptl.method            'X-RAY DIFFRACTION' 
_exptl.crystals_number   1 
# 
_exptl_crystal.id                    1 
_exptl_crystal.density_meas          ? 
_exptl_crystal.density_Matthews      2.72 
_exptl_crystal.density_percent_sol   54.76 
_exptl_crystal.description           ? 
# 
_exptl_crystal_grow.crystal_id      1 
_exptl_crystal_grow.method          'VAPOR DIFFUSION, HANGING DROP' 
_exptl_crystal_grow.temp            293 
_exptl_crystal_grow.temp_details    ? 
_exptl_crystal_grow.pH              6.5 
_exptl_crystal_grow.pdbx_details    
'Magnesium acetate, MES, Ammonium sulfate, pH 6.5, VAPOR DIFFUSION, HANGING DROP, temperature 293K' 
_exptl_crystal_grow.pdbx_pH_range   ? 
# 
_diffrn.id                     1 
_diffrn.ambient_temp           120 
_diffrn.ambient_temp_details   ? 
_diffrn.crystal_id             1 
# 
_diffrn_detector.diffrn_id              1 
_diffrn_detector.detector               'IMAGE PLATE' 
_diffrn_detector.type                   MARRESEARCH 
_diffrn_detector.pdbx_collection_date   2000-05-26 
_diffrn_detector.details                ? 
# 
_diffrn_radiation.diffrn_id                        1 
_diffrn_radiation.wavelength_id                    1 
_diffrn_radiation.pdbx_monochromatic_or_laue_m_l   M 
_diffrn_radiation.monochromator                    ? 
_diffrn_radiation.pdbx_diffrn_protocol             'SINGLE WAVELENGTH' 
_diffrn_radiation.pdbx_scattering_type             x-ray 
# 
_diffrn_radiation_wavelength.id           1 
_diffrn_radiation_wavelength.wavelength   1.1 
_diffrn_radiation_wavelength.wt           1.0 
# 
_diffrn_source.diffrn_id                   1 
_diffrn_source.source                      SYNCHROTRON 
_diffrn_source.type                        'EMBL/DESY, HAMBURG BEAMLINE BW7A' 
_diffrn_source.pdbx_synchrotron_site       'EMBL/DESY, HAMBURG' 
_diffrn_source.pdbx_synchrotron_beamline   BW7A 
_diffrn_source.pdbx_wavelength             ? 
_diffrn_source.pdbx_wavelength_list        1.1 
# 
_reflns.entry_id                     1K9G 
_reflns.observed_criterion_sigma_I   1 
_reflns.observed_criterion_sigma_F   2 
_reflns.d_resolution_low             20 
_reflns.d_resolution_high            1.4 
_reflns.number_obs                   3356 
_reflns.number_all                   3543 
_reflns.percent_possible_obs         87.3 
_reflns.pdbx_Rmerge_I_obs            0.0380000 
_reflns.pdbx_Rsym_value              ? 
_reflns.pdbx_netI_over_sigmaI        29.1 
_reflns.B_iso_Wilson_estimate        17.7 
_reflns.pdbx_redundancy              ? 
_reflns.R_free_details               ? 
_reflns.pdbx_diffrn_id               1 
_reflns.pdbx_ordinal                 1 
# 
_reflns_shell.d_res_high             1.4 
_reflns_shell.d_res_low              1.45 
_reflns_shell.percent_possible_all   73.2 
_reflns_shell.Rmerge_I_obs           0.3300000 
_reflns_shell.pdbx_Rsym_value        ? 
_reflns_shell.meanI_over_sigI_obs    2.4 
_reflns_shell.pdbx_redundancy        ? 
_reflns_shell.percent_possible_obs   ? 
_reflns_shell.number_unique_all      292 
_reflns_shell.pdbx_diffrn_id         ? 
_reflns_shell.pdbx_ordinal           1 
# 
_refine.entry_id                                 1K9G 
_refine.ls_number_reflns_obs                     3356 
_refine.ls_number_reflns_all                     3356 
_refine.pdbx_ls_sigma_I                          ? 
_refine.pdbx_ls_sigma_F                          0 
_refine.pdbx_data_cutoff_high_absF               ? 
_refine.pdbx_data_cutoff_low_absF                ? 
_refine.ls_d_res_low                             10. 
_refine.ls_d_res_high                            1.4 
_refine.ls_percent_reflns_obs                    ? 
_refine.ls_R_factor_obs                          0.2090000 
_refine.ls_R_factor_all                          0.2090000 
_refine.ls_R_factor_R_work                       0.2080000 
_refine.ls_R_factor_R_free                       0.2270000 
_refine.ls_R_factor_R_free_error                 ? 
_refine.ls_R_factor_R_free_error_details         ? 
_refine.ls_percent_reflns_R_free                 ? 
_refine.ls_number_reflns_R_free                  167 
_refine.ls_number_parameters                     ? 
_refine.ls_number_restraints                     ? 
_refine.occupancy_min                            ? 
_refine.occupancy_max                            ? 
_refine.B_iso_mean                               ? 
_refine.aniso_B[1][1]                            ? 
_refine.aniso_B[2][2]                            ? 
_refine.aniso_B[3][3]                            ? 
_refine.aniso_B[1][2]                            ? 
_refine.aniso_B[1][3]                            ? 
_refine.aniso_B[2][3]                            ? 
_refine.solvent_model_details                    ? 
_refine.solvent_model_param_ksol                 ? 
_refine.solvent_model_param_bsol                 ? 
_refine.pdbx_ls_cross_valid_method               THROUGHOUT 
_refine.details                                  ? 
_refine.pdbx_starting_model                      ? 
_refine.pdbx_method_to_determine_struct          'MOLECULAR REPLACEMENT' 
_refine.pdbx_isotropic_thermal_model             ? 
_refine.pdbx_stereochemistry_target_values       'Engh & Huber' 
_refine.pdbx_stereochem_target_val_spec_case     ? 
_refine.pdbx_R_Free_selection_details            RANDOM 
_refine.pdbx_overall_ESU_R_Free                  ? 
_refine.overall_SU_B                             ? 
_refine.ls_redundancy_reflns_obs                 ? 
_refine.correlation_coeff_Fo_to_Fc               ? 
_refine.correlation_coeff_Fo_to_Fc_free          ? 
_refine.overall_SU_R_Cruickshank_DPI             ? 
_refine.overall_SU_R_free                        ? 
_refine.overall_SU_ML                            ? 
_refine.pdbx_overall_ESU_R                       ? 
_refine.pdbx_data_cutoff_high_rms_absF           ? 
_refine.pdbx_refine_id                           'X-RAY DIFFRACTION' 
_refine.pdbx_diffrn_id                           1 
_refine.pdbx_TLS_residual_ADP_flag               ? 
_refine.pdbx_solvent_vdw_probe_radii             ? 
_refine.pdbx_solvent_ion_probe_radii             ? 
_refine.pdbx_solvent_shrinkage_radii             ? 
_refine.pdbx_overall_phase_error                 ? 
_refine.pdbx_overall_SU_R_free_Cruickshank_DPI   ? 
_refine.pdbx_overall_SU_R_Blow_DPI               ? 
_refine.pdbx_overall_SU_R_free_Blow_DPI          ? 
# 
_refine_hist.pdbx_refine_id                   'X-RAY DIFFRACTION' 
_refine_hist.cycle_id                         LAST 
_refine_hist.pdbx_number_atoms_protein        0 
_refine_hist.pdbx_number_atoms_nucleic_acid   120 
_refine_hist.pdbx_number_atoms_ligand         36 
_refine_hist.number_atoms_solvent             37 
_refine_hist.number_atoms_total               193 
_refine_hist.d_res_high                       1.4 
_refine_hist.d_res_low                        10. 
# 
loop_
_refine_ls_restr.type 
_refine_ls_restr.dev_ideal 
_refine_ls_restr.dev_ideal_target 
_refine_ls_restr.weight 
_refine_ls_restr.number 
_refine_ls_restr.pdbx_refine_id 
_refine_ls_restr.pdbx_restraint_function 
s_bond_d  0.011 ? ? ? 'X-RAY DIFFRACTION' ? 
s_angle_d 0.023 ? ? ? 'X-RAY DIFFRACTION' ? 
# 
_pdbx_refine.entry_id                                    1K9G 
_pdbx_refine.R_factor_all_no_cutoff                      0.2090000 
_pdbx_refine.R_factor_obs_no_cutoff                      0.2080000 
_pdbx_refine.free_R_factor_no_cutoff                     0.2270000 
_pdbx_refine.free_R_val_test_set_size_perc_no_cutoff     ? 
_pdbx_refine.free_R_val_test_set_ct_no_cutoff            167 
_pdbx_refine.R_factor_all_4sig_cutoff                    ? 
_pdbx_refine.R_factor_obs_4sig_cutoff                    ? 
_pdbx_refine.free_R_factor_4sig_cutoff                   ? 
_pdbx_refine.free_R_val_test_set_size_perc_4sig_cutoff   ? 
_pdbx_refine.free_R_val_test_set_ct_4sig_cutoff          ? 
_pdbx_refine.number_reflns_obs_4sig_cutoff               ? 
_pdbx_refine.number_reflns_obs_no_cutoff                 ? 
_pdbx_refine.pdbx_refine_id                              'X-RAY DIFFRACTION' 
_pdbx_refine.free_R_error_no_cutoff                      ? 
# 
_struct.entry_id                  1K9G 
_struct.title                     'Crystal Structure of the Complex of Cryptolepine-d(CCTAGG)2' 
_struct.pdbx_model_details        ? 
_struct.pdbx_CASP_flag            ? 
_struct.pdbx_model_type_details   ? 
# 
_struct_keywords.entry_id        1K9G 
_struct_keywords.pdbx_keywords   DNA 
_struct_keywords.text            'DNA intercalator complex, DNA' 
# 
loop_
_struct_asym.id 
_struct_asym.pdbx_blank_PDB_chainid_flag 
_struct_asym.pdbx_modified 
_struct_asym.entity_id 
_struct_asym.details 
A N N 1 ? 
B N N 2 ? 
C N N 2 ? 
D N N 3 ? 
# 
_struct_ref.id                         1 
_struct_ref.entity_id                  1 
_struct_ref.db_name                    PDB 
_struct_ref.db_code                    1K9G 
_struct_ref.pdbx_db_accession          1K9G 
_struct_ref.pdbx_db_isoform            ? 
_struct_ref.pdbx_seq_one_letter_code   ? 
_struct_ref.pdbx_align_begin           ? 
# 
_struct_ref_seq.align_id                      1 
_struct_ref_seq.ref_id                        1 
_struct_ref_seq.pdbx_PDB_id_code              1K9G 
_struct_ref_seq.pdbx_strand_id                A 
_struct_ref_seq.seq_align_beg                 1 
_struct_ref_seq.pdbx_seq_align_beg_ins_code   ? 
_struct_ref_seq.seq_align_end                 6 
_struct_ref_seq.pdbx_seq_align_end_ins_code   ? 
_struct_ref_seq.pdbx_db_accession             1K9G 
_struct_ref_seq.db_align_beg                  1 
_struct_ref_seq.pdbx_db_align_beg_ins_code    ? 
_struct_ref_seq.db_align_end                  6 
_struct_ref_seq.pdbx_db_align_end_ins_code    ? 
_struct_ref_seq.pdbx_auth_seq_align_beg       1 
_struct_ref_seq.pdbx_auth_seq_align_end       6 
# 
_pdbx_struct_assembly.id                   1 
_pdbx_struct_assembly.details              author_defined_assembly 
_pdbx_struct_assembly.method_details       ? 
_pdbx_struct_assembly.oligomeric_details   dimeric 
_pdbx_struct_assembly.oligomeric_count     2 
# 
_pdbx_struct_assembly_gen.assembly_id       1 
_pdbx_struct_assembly_gen.oper_expression   1,2 
_pdbx_struct_assembly_gen.asym_id_list      A,B,C,D 
# 
loop_
_pdbx_struct_oper_list.id 
_pdbx_struct_oper_list.type 
_pdbx_struct_oper_list.name 
_pdbx_struct_oper_list.symmetry_operation 
_pdbx_struct_oper_list.matrix[1][1] 
_pdbx_struct_oper_list.matrix[1][2] 
_pdbx_struct_oper_list.matrix[1][3] 
_pdbx_struct_oper_list.vector[1] 
_pdbx_struct_oper_list.matrix[2][1] 
_pdbx_struct_oper_list.matrix[2][2] 
_pdbx_struct_oper_list.matrix[2][3] 
_pdbx_struct_oper_list.vector[2] 
_pdbx_struct_oper_list.matrix[3][1] 
_pdbx_struct_oper_list.matrix[3][2] 
_pdbx_struct_oper_list.matrix[3][3] 
_pdbx_struct_oper_list.vector[3] 
1 'identity operation'         1_555 x,y,z       1.0000000000 0.0000000000  0.0000000000  0.0000000000  0.0000000000  1.0000000000  0.0000000000 0.0000000000  0.0000000000  0.0000000000 1.0000000000  0.0000000000  
2 'crystal symmetry operation' 4_675 -x+1,-y+2,z 0.0582866475 -0.7222161425 -0.6892071606 -4.6222480218 -0.7222161425 -0.5071314963 0.4703418852 -3.3608363986 -0.6892071606 0.4703418852 -0.5511551512 -3.5757217925 
# 
_struct_biol.id                    1 
_struct_biol.details               'The double helix is generated by the operation -x,-y+2,z.' 
_struct_biol.pdbx_parent_biol_id   ? 
# 
loop_
_struct_conn.id 
_struct_conn.conn_type_id 
_struct_conn.pdbx_leaving_atom_flag 
_struct_conn.pdbx_PDB_id 
_struct_conn.ptnr1_label_asym_id 
_struct_conn.ptnr1_label_comp_id 
_struct_conn.ptnr1_label_seq_id 
_struct_conn.ptnr1_label_atom_id 
_struct_conn.pdbx_ptnr1_label_alt_id 
_struct_conn.pdbx_ptnr1_PDB_ins_code 
_struct_conn.pdbx_ptnr1_standard_comp_id 
_struct_conn.ptnr1_symmetry 
_struct_conn.ptnr2_label_asym_id 
_struct_conn.ptnr2_label_comp_id 
_struct_conn.ptnr2_label_seq_id 
_struct_conn.ptnr2_label_atom_id 
_struct_conn.pdbx_ptnr2_label_alt_id 
_struct_conn.pdbx_ptnr2_PDB_ins_code 
_struct_conn.ptnr1_auth_asym_id 
_struct_conn.ptnr1_auth_comp_id 
_struct_conn.ptnr1_auth_seq_id 
_struct_conn.ptnr2_auth_asym_id 
_struct_conn.ptnr2_auth_comp_id 
_struct_conn.ptnr2_auth_seq_id 
_struct_conn.ptnr2_symmetry 
_struct_conn.pdbx_ptnr3_label_atom_id 
_struct_conn.pdbx_ptnr3_label_seq_id 
_struct_conn.pdbx_ptnr3_label_comp_id 
_struct_conn.pdbx_ptnr3_label_asym_id 
_struct_conn.pdbx_ptnr3_label_alt_id 
_struct_conn.pdbx_ptnr3_PDB_ins_code 
_struct_conn.details 
_struct_conn.pdbx_dist_value 
_struct_conn.pdbx_value_order 
_struct_conn.pdbx_role 
hydrog1  hydrog ? ? A DC 1 N3 ? ? ? 1_555 A DG 6 N1 ? ? A DC 1 A DG 6 4_675 ? ? ? ? ? ? WATSON-CRICK ? ? ? 
hydrog2  hydrog ? ? A DC 1 N4 ? ? ? 1_555 A DG 6 O6 ? ? A DC 1 A DG 6 4_675 ? ? ? ? ? ? WATSON-CRICK ? ? ? 
hydrog3  hydrog ? ? A DC 1 O2 ? ? ? 1_555 A DG 6 N2 ? ? A DC 1 A DG 6 4_675 ? ? ? ? ? ? WATSON-CRICK ? ? ? 
hydrog4  hydrog ? ? A DC 2 N3 ? ? ? 1_555 A DG 5 N1 ? ? A DC 2 A DG 5 4_675 ? ? ? ? ? ? WATSON-CRICK ? ? ? 
hydrog5  hydrog ? ? A DC 2 N4 ? ? ? 1_555 A DG 5 O6 ? ? A DC 2 A DG 5 4_675 ? ? ? ? ? ? WATSON-CRICK ? ? ? 
hydrog6  hydrog ? ? A DC 2 O2 ? ? ? 1_555 A DG 5 N2 ? ? A DC 2 A DG 5 4_675 ? ? ? ? ? ? WATSON-CRICK ? ? ? 
hydrog7  hydrog ? ? A DT 3 N3 ? ? ? 1_555 A DA 4 N1 ? ? A DT 3 A DA 4 4_675 ? ? ? ? ? ? WATSON-CRICK ? ? ? 
hydrog8  hydrog ? ? A DT 3 O4 ? ? ? 1_555 A DA 4 N6 ? ? A DT 3 A DA 4 4_675 ? ? ? ? ? ? WATSON-CRICK ? ? ? 
hydrog9  hydrog ? ? A DA 4 N1 ? ? ? 1_555 A DT 3 N3 ? ? A DA 4 A DT 3 4_675 ? ? ? ? ? ? WATSON-CRICK ? ? ? 
hydrog10 hydrog ? ? A DA 4 N6 ? ? ? 1_555 A DT 3 O4 ? ? A DA 4 A DT 3 4_675 ? ? ? ? ? ? WATSON-CRICK ? ? ? 
hydrog11 hydrog ? ? A DG 5 N1 ? ? ? 1_555 A DC 2 N3 ? ? A DG 5 A DC 2 4_675 ? ? ? ? ? ? WATSON-CRICK ? ? ? 
hydrog12 hydrog ? ? A DG 5 N2 ? ? ? 1_555 A DC 2 O2 ? ? A DG 5 A DC 2 4_675 ? ? ? ? ? ? WATSON-CRICK ? ? ? 
hydrog13 hydrog ? ? A DG 5 O6 ? ? ? 1_555 A DC 2 N4 ? ? A DG 5 A DC 2 4_675 ? ? ? ? ? ? WATSON-CRICK ? ? ? 
hydrog14 hydrog ? ? A DG 6 N1 ? ? ? 1_555 A DC 1 N3 ? ? A DG 6 A DC 1 4_675 ? ? ? ? ? ? WATSON-CRICK ? ? ? 
hydrog15 hydrog ? ? A DG 6 N2 ? ? ? 1_555 A DC 1 O2 ? ? A DG 6 A DC 1 4_675 ? ? ? ? ? ? WATSON-CRICK ? ? ? 
hydrog16 hydrog ? ? A DG 6 O6 ? ? ? 1_555 A DC 1 N4 ? ? A DG 6 A DC 1 4_675 ? ? ? ? ? ? WATSON-CRICK ? ? ? 
# 
_struct_conn_type.id          hydrog 
_struct_conn_type.criteria    ? 
_struct_conn_type.reference   ? 
# 
loop_
_struct_site.id 
_struct_site.pdbx_evidence_code 
_struct_site.pdbx_auth_asym_id 
_struct_site.pdbx_auth_comp_id 
_struct_site.pdbx_auth_seq_id 
_struct_site.pdbx_auth_ins_code 
_struct_site.pdbx_num_residues 
_struct_site.details 
AC1 Software A DR1 7 ? 4 'BINDING SITE FOR RESIDUE DR1 A 7' 
AC2 Software A DR1 8 ? 6 'BINDING SITE FOR RESIDUE DR1 A 8' 
1   ?        ? ?   ? ? ? ?                                  
# 
loop_
_struct_site_gen.id 
_struct_site_gen.site_id 
_struct_site_gen.pdbx_num_res 
_struct_site_gen.label_comp_id 
_struct_site_gen.label_asym_id 
_struct_site_gen.label_seq_id 
_struct_site_gen.pdbx_auth_ins_code 
_struct_site_gen.auth_comp_id 
_struct_site_gen.auth_asym_id 
_struct_site_gen.auth_seq_id 
_struct_site_gen.label_atom_id 
_struct_site_gen.label_alt_id 
_struct_site_gen.symmetry 
_struct_site_gen.details 
1  AC1 4 DC  A 1 ? DC  A 1    . ? 1_555 ? 
2  AC1 4 DC  A 2 ? DC  A 2    . ? 1_555 ? 
3  AC1 4 DG  A 5 ? DG  A 5    . ? 4_675 ? 
4  AC1 4 DG  A 6 ? DG  A 6    . ? 4_675 ? 
5  AC2 6 DC  A 1 ? DC  A 1    . ? 1_555 ? 
6  AC2 6 DC  A 1 ? DC  A 1    . ? 4_665 ? 
7  AC2 6 DG  A 6 ? DG  A 6    . ? 4_675 ? 
8  AC2 6 DG  A 6 ? DG  A 6    . ? 1_545 ? 
9  AC2 6 HOH D . ? HOH A 3015 . ? 4_675 ? 
10 AC2 6 HOH D . ? HOH A 3015 . ? 1_545 ? 
# 
loop_
_pdbx_validate_close_contact.id 
_pdbx_validate_close_contact.PDB_model_num 
_pdbx_validate_close_contact.auth_atom_id_1 
_pdbx_validate_close_contact.auth_asym_id_1 
_pdbx_validate_close_contact.auth_comp_id_1 
_pdbx_validate_close_contact.auth_seq_id_1 
_pdbx_validate_close_contact.PDB_ins_code_1 
_pdbx_validate_close_contact.label_alt_id_1 
_pdbx_validate_close_contact.auth_atom_id_2 
_pdbx_validate_close_contact.auth_asym_id_2 
_pdbx_validate_close_contact.auth_comp_id_2 
_pdbx_validate_close_contact.auth_seq_id_2 
_pdbx_validate_close_contact.PDB_ins_code_2 
_pdbx_validate_close_contact.label_alt_id_2 
_pdbx_validate_close_contact.dist 
1 1 O     A HOH 3018 ? ? O A HOH 3030 ? ? 1.99 
2 1 O     A HOH 3010 ? ? O A HOH 3012 ? ? 2.03 
3 1 "C5'" A DT  3    ? ? O A HOH 3038 ? ? 2.13 
# 
_pdbx_validate_symm_contact.id                1 
_pdbx_validate_symm_contact.PDB_model_num     1 
_pdbx_validate_symm_contact.auth_atom_id_1    O 
_pdbx_validate_symm_contact.auth_asym_id_1    A 
_pdbx_validate_symm_contact.auth_comp_id_1    HOH 
_pdbx_validate_symm_contact.auth_seq_id_1     3026 
_pdbx_validate_symm_contact.PDB_ins_code_1    ? 
_pdbx_validate_symm_contact.label_alt_id_1    ? 
_pdbx_validate_symm_contact.site_symmetry_1   1_555 
_pdbx_validate_symm_contact.auth_atom_id_2    O 
_pdbx_validate_symm_contact.auth_asym_id_2    A 
_pdbx_validate_symm_contact.auth_comp_id_2    HOH 
_pdbx_validate_symm_contact.auth_seq_id_2     3029 
_pdbx_validate_symm_contact.PDB_ins_code_2    ? 
_pdbx_validate_symm_contact.label_alt_id_2    ? 
_pdbx_validate_symm_contact.site_symmetry_2   3_564 
_pdbx_validate_symm_contact.dist              2.12 
# 
loop_
_pdbx_validate_rmsd_angle.id 
_pdbx_validate_rmsd_angle.PDB_model_num 
_pdbx_validate_rmsd_angle.auth_atom_id_1 
_pdbx_validate_rmsd_angle.auth_asym_id_1 
_pdbx_validate_rmsd_angle.auth_comp_id_1 
_pdbx_validate_rmsd_angle.auth_seq_id_1 
_pdbx_validate_rmsd_angle.PDB_ins_code_1 
_pdbx_validate_rmsd_angle.label_alt_id_1 
_pdbx_validate_rmsd_angle.auth_atom_id_2 
_pdbx_validate_rmsd_angle.auth_asym_id_2 
_pdbx_validate_rmsd_angle.auth_comp_id_2 
_pdbx_validate_rmsd_angle.auth_seq_id_2 
_pdbx_validate_rmsd_angle.PDB_ins_code_2 
_pdbx_validate_rmsd_angle.label_alt_id_2 
_pdbx_validate_rmsd_angle.auth_atom_id_3 
_pdbx_validate_rmsd_angle.auth_asym_id_3 
_pdbx_validate_rmsd_angle.auth_comp_id_3 
_pdbx_validate_rmsd_angle.auth_seq_id_3 
_pdbx_validate_rmsd_angle.PDB_ins_code_3 
_pdbx_validate_rmsd_angle.label_alt_id_3 
_pdbx_validate_rmsd_angle.angle_value 
_pdbx_validate_rmsd_angle.angle_target_value 
_pdbx_validate_rmsd_angle.angle_deviation 
_pdbx_validate_rmsd_angle.angle_standard_deviation 
_pdbx_validate_rmsd_angle.linker_flag 
1 1 "O4'" A DC 1 ? ? "C1'" A DC 1 ? ? N1    A DC 1 ? ? 103.36 108.00 -4.64 0.70 N 
2 1 C2    A DC 2 ? ? N3    A DC 2 ? ? C4    A DC 2 ? ? 123.56 119.90 3.66  0.50 N 
3 1 C5    A DC 2 ? ? C6    A DC 2 ? ? N1    A DC 2 ? ? 124.12 121.00 3.12  0.50 N 
4 1 "C3'" A DT 3 ? ? "C2'" A DT 3 ? ? "C1'" A DT 3 ? ? 97.04  102.40 -5.36 0.80 N 
5 1 C4    A DT 3 ? ? C5    A DT 3 ? ? C7    A DT 3 ? ? 114.77 119.00 -4.23 0.60 N 
6 1 "C3'" A DT 3 ? ? "O3'" A DT 3 ? ? P     A DA 4 ? ? 127.99 119.70 8.29  1.20 Y 
7 1 "O4'" A DA 4 ? ? "C1'" A DA 4 ? ? N9    A DA 4 ? ? 103.04 108.00 -4.96 0.70 N 
8 1 N1    A DA 4 ? ? C2    A DA 4 ? ? N3    A DA 4 ? ? 124.69 129.30 -4.61 0.50 N 
9 1 P     A DG 6 ? ? "O5'" A DG 6 ? ? "C5'" A DG 6 ? ? 131.02 120.90 10.12 1.60 N 
# 
_struct_site_keywords.site_id   1 
_struct_site_keywords.text      INTERCALATION 
# 
loop_
_chem_comp_atom.comp_id 
_chem_comp_atom.atom_id 
_chem_comp_atom.type_symbol 
_chem_comp_atom.pdbx_aromatic_flag 
_chem_comp_atom.pdbx_stereo_config 
_chem_comp_atom.pdbx_ordinal 
DA  OP3    O N N 1   
DA  P      P N N 2   
DA  OP1    O N N 3   
DA  OP2    O N N 4   
DA  "O5'"  O N N 5   
DA  "C5'"  C N N 6   
DA  "C4'"  C N R 7   
DA  "O4'"  O N N 8   
DA  "C3'"  C N S 9   
DA  "O3'"  O N N 10  
DA  "C2'"  C N N 11  
DA  "C1'"  C N R 12  
DA  N9     N Y N 13  
DA  C8     C Y N 14  
DA  N7     N Y N 15  
DA  C5     C Y N 16  
DA  C6     C Y N 17  
DA  N6     N N N 18  
DA  N1     N Y N 19  
DA  C2     C Y N 20  
DA  N3     N Y N 21  
DA  C4     C Y N 22  
DA  HOP3   H N N 23  
DA  HOP2   H N N 24  
DA  "H5'"  H N N 25  
DA  "H5''" H N N 26  
DA  "H4'"  H N N 27  
DA  "H3'"  H N N 28  
DA  "HO3'" H N N 29  
DA  "H2'"  H N N 30  
DA  "H2''" H N N 31  
DA  "H1'"  H N N 32  
DA  H8     H N N 33  
DA  H61    H N N 34  
DA  H62    H N N 35  
DA  H2     H N N 36  
DC  OP3    O N N 37  
DC  P      P N N 38  
DC  OP1    O N N 39  
DC  OP2    O N N 40  
DC  "O5'"  O N N 41  
DC  "C5'"  C N N 42  
DC  "C4'"  C N R 43  
DC  "O4'"  O N N 44  
DC  "C3'"  C N S 45  
DC  "O3'"  O N N 46  
DC  "C2'"  C N N 47  
DC  "C1'"  C N R 48  
DC  N1     N N N 49  
DC  C2     C N N 50  
DC  O2     O N N 51  
DC  N3     N N N 52  
DC  C4     C N N 53  
DC  N4     N N N 54  
DC  C5     C N N 55  
DC  C6     C N N 56  
DC  HOP3   H N N 57  
DC  HOP2   H N N 58  
DC  "H5'"  H N N 59  
DC  "H5''" H N N 60  
DC  "H4'"  H N N 61  
DC  "H3'"  H N N 62  
DC  "HO3'" H N N 63  
DC  "H2'"  H N N 64  
DC  "H2''" H N N 65  
DC  "H1'"  H N N 66  
DC  H41    H N N 67  
DC  H42    H N N 68  
DC  H5     H N N 69  
DC  H6     H N N 70  
DG  OP3    O N N 71  
DG  P      P N N 72  
DG  OP1    O N N 73  
DG  OP2    O N N 74  
DG  "O5'"  O N N 75  
DG  "C5'"  C N N 76  
DG  "C4'"  C N R 77  
DG  "O4'"  O N N 78  
DG  "C3'"  C N S 79  
DG  "O3'"  O N N 80  
DG  "C2'"  C N N 81  
DG  "C1'"  C N R 82  
DG  N9     N Y N 83  
DG  C8     C Y N 84  
DG  N7     N Y N 85  
DG  C5     C Y N 86  
DG  C6     C N N 87  
DG  O6     O N N 88  
DG  N1     N N N 89  
DG  C2     C N N 90  
DG  N2     N N N 91  
DG  N3     N N N 92  
DG  C4     C Y N 93  
DG  HOP3   H N N 94  
DG  HOP2   H N N 95  
DG  "H5'"  H N N 96  
DG  "H5''" H N N 97  
DG  "H4'"  H N N 98  
DG  "H3'"  H N N 99  
DG  "HO3'" H N N 100 
DG  "H2'"  H N N 101 
DG  "H2''" H N N 102 
DG  "H1'"  H N N 103 
DG  H8     H N N 104 
DG  H1     H N N 105 
DG  H21    H N N 106 
DG  H22    H N N 107 
DR1 C1     C Y N 108 
DR1 C2     C Y N 109 
DR1 C3     C Y N 110 
DR1 C4     C Y N 111 
DR1 C5     C Y N 112 
DR1 C6     C Y N 113 
DR1 C7     C Y N 114 
DR1 N8     N Y N 115 
DR1 C9     C Y N 116 
DR1 C10    C Y N 117 
DR1 C11    C Y N 118 
DR1 C12    C Y N 119 
DR1 C13    C Y N 120 
DR1 C14    C Y N 121 
DR1 C15    C Y N 122 
DR1 N16    N Y N 123 
DR1 C17    C Y N 124 
DR1 C18    C N N 125 
DR1 HC1    H N N 126 
DR1 HC2    H N N 127 
DR1 HC3    H N N 128 
DR1 HC4    H N N 129 
DR1 HC6    H N N 130 
DR1 H10    H N N 131 
DR1 H11    H N N 132 
DR1 H12    H N N 133 
DR1 H13    H N N 134 
DR1 H181   H N N 135 
DR1 H182   H N N 136 
DR1 H183   H N N 137 
DT  OP3    O N N 138 
DT  P      P N N 139 
DT  OP1    O N N 140 
DT  OP2    O N N 141 
DT  "O5'"  O N N 142 
DT  "C5'"  C N N 143 
DT  "C4'"  C N R 144 
DT  "O4'"  O N N 145 
DT  "C3'"  C N S 146 
DT  "O3'"  O N N 147 
DT  "C2'"  C N N 148 
DT  "C1'"  C N R 149 
DT  N1     N N N 150 
DT  C2     C N N 151 
DT  O2     O N N 152 
DT  N3     N N N 153 
DT  C4     C N N 154 
DT  O4     O N N 155 
DT  C5     C N N 156 
DT  C7     C N N 157 
DT  C6     C N N 158 
DT  HOP3   H N N 159 
DT  HOP2   H N N 160 
DT  "H5'"  H N N 161 
DT  "H5''" H N N 162 
DT  "H4'"  H N N 163 
DT  "H3'"  H N N 164 
DT  "HO3'" H N N 165 
DT  "H2'"  H N N 166 
DT  "H2''" H N N 167 
DT  "H1'"  H N N 168 
DT  H3     H N N 169 
DT  H71    H N N 170 
DT  H72    H N N 171 
DT  H73    H N N 172 
DT  H6     H N N 173 
HOH O      O N N 174 
HOH H1     H N N 175 
HOH H2     H N N 176 
# 
loop_
_chem_comp_bond.comp_id 
_chem_comp_bond.atom_id_1 
_chem_comp_bond.atom_id_2 
_chem_comp_bond.value_order 
_chem_comp_bond.pdbx_aromatic_flag 
_chem_comp_bond.pdbx_stereo_config 
_chem_comp_bond.pdbx_ordinal 
DA  OP3   P      sing N N 1   
DA  OP3   HOP3   sing N N 2   
DA  P     OP1    doub N N 3   
DA  P     OP2    sing N N 4   
DA  P     "O5'"  sing N N 5   
DA  OP2   HOP2   sing N N 6   
DA  "O5'" "C5'"  sing N N 7   
DA  "C5'" "C4'"  sing N N 8   
DA  "C5'" "H5'"  sing N N 9   
DA  "C5'" "H5''" sing N N 10  
DA  "C4'" "O4'"  sing N N 11  
DA  "C4'" "C3'"  sing N N 12  
DA  "C4'" "H4'"  sing N N 13  
DA  "O4'" "C1'"  sing N N 14  
DA  "C3'" "O3'"  sing N N 15  
DA  "C3'" "C2'"  sing N N 16  
DA  "C3'" "H3'"  sing N N 17  
DA  "O3'" "HO3'" sing N N 18  
DA  "C2'" "C1'"  sing N N 19  
DA  "C2'" "H2'"  sing N N 20  
DA  "C2'" "H2''" sing N N 21  
DA  "C1'" N9     sing N N 22  
DA  "C1'" "H1'"  sing N N 23  
DA  N9    C8     sing Y N 24  
DA  N9    C4     sing Y N 25  
DA  C8    N7     doub Y N 26  
DA  C8    H8     sing N N 27  
DA  N7    C5     sing Y N 28  
DA  C5    C6     sing Y N 29  
DA  C5    C4     doub Y N 30  
DA  C6    N6     sing N N 31  
DA  C6    N1     doub Y N 32  
DA  N6    H61    sing N N 33  
DA  N6    H62    sing N N 34  
DA  N1    C2     sing Y N 35  
DA  C2    N3     doub Y N 36  
DA  C2    H2     sing N N 37  
DA  N3    C4     sing Y N 38  
DC  OP3   P      sing N N 39  
DC  OP3   HOP3   sing N N 40  
DC  P     OP1    doub N N 41  
DC  P     OP2    sing N N 42  
DC  P     "O5'"  sing N N 43  
DC  OP2   HOP2   sing N N 44  
DC  "O5'" "C5'"  sing N N 45  
DC  "C5'" "C4'"  sing N N 46  
DC  "C5'" "H5'"  sing N N 47  
DC  "C5'" "H5''" sing N N 48  
DC  "C4'" "O4'"  sing N N 49  
DC  "C4'" "C3'"  sing N N 50  
DC  "C4'" "H4'"  sing N N 51  
DC  "O4'" "C1'"  sing N N 52  
DC  "C3'" "O3'"  sing N N 53  
DC  "C3'" "C2'"  sing N N 54  
DC  "C3'" "H3'"  sing N N 55  
DC  "O3'" "HO3'" sing N N 56  
DC  "C2'" "C1'"  sing N N 57  
DC  "C2'" "H2'"  sing N N 58  
DC  "C2'" "H2''" sing N N 59  
DC  "C1'" N1     sing N N 60  
DC  "C1'" "H1'"  sing N N 61  
DC  N1    C2     sing N N 62  
DC  N1    C6     sing N N 63  
DC  C2    O2     doub N N 64  
DC  C2    N3     sing N N 65  
DC  N3    C4     doub N N 66  
DC  C4    N4     sing N N 67  
DC  C4    C5     sing N N 68  
DC  N4    H41    sing N N 69  
DC  N4    H42    sing N N 70  
DC  C5    C6     doub N N 71  
DC  C5    H5     sing N N 72  
DC  C6    H6     sing N N 73  
DG  OP3   P      sing N N 74  
DG  OP3   HOP3   sing N N 75  
DG  P     OP1    doub N N 76  
DG  P     OP2    sing N N 77  
DG  P     "O5'"  sing N N 78  
DG  OP2   HOP2   sing N N 79  
DG  "O5'" "C5'"  sing N N 80  
DG  "C5'" "C4'"  sing N N 81  
DG  "C5'" "H5'"  sing N N 82  
DG  "C5'" "H5''" sing N N 83  
DG  "C4'" "O4'"  sing N N 84  
DG  "C4'" "C3'"  sing N N 85  
DG  "C4'" "H4'"  sing N N 86  
DG  "O4'" "C1'"  sing N N 87  
DG  "C3'" "O3'"  sing N N 88  
DG  "C3'" "C2'"  sing N N 89  
DG  "C3'" "H3'"  sing N N 90  
DG  "O3'" "HO3'" sing N N 91  
DG  "C2'" "C1'"  sing N N 92  
DG  "C2'" "H2'"  sing N N 93  
DG  "C2'" "H2''" sing N N 94  
DG  "C1'" N9     sing N N 95  
DG  "C1'" "H1'"  sing N N 96  
DG  N9    C8     sing Y N 97  
DG  N9    C4     sing Y N 98  
DG  C8    N7     doub Y N 99  
DG  C8    H8     sing N N 100 
DG  N7    C5     sing Y N 101 
DG  C5    C6     sing N N 102 
DG  C5    C4     doub Y N 103 
DG  C6    O6     doub N N 104 
DG  C6    N1     sing N N 105 
DG  N1    C2     sing N N 106 
DG  N1    H1     sing N N 107 
DG  C2    N2     sing N N 108 
DG  C2    N3     doub N N 109 
DG  N2    H21    sing N N 110 
DG  N2    H22    sing N N 111 
DG  N3    C4     sing N N 112 
DR1 C1    C2     doub Y N 113 
DR1 C1    C17    sing Y N 114 
DR1 C1    HC1    sing N N 115 
DR1 C2    C3     sing Y N 116 
DR1 C2    HC2    sing N N 117 
DR1 C3    C4     doub Y N 118 
DR1 C3    HC3    sing N N 119 
DR1 C4    C5     sing Y N 120 
DR1 C4    HC4    sing N N 121 
DR1 C5    C6     sing Y N 122 
DR1 C5    C17    doub Y N 123 
DR1 C6    C7     doub Y N 124 
DR1 C6    HC6    sing N N 125 
DR1 C7    N8     sing Y N 126 
DR1 C7    C15    sing Y N 127 
DR1 N8    C9     doub Y N 128 
DR1 C9    C10    sing Y N 129 
DR1 C9    C14    sing Y N 130 
DR1 C10   C11    doub Y N 131 
DR1 C10   H10    sing N N 132 
DR1 C11   C12    sing Y N 133 
DR1 C11   H11    sing N N 134 
DR1 C12   C13    doub Y N 135 
DR1 C12   H12    sing N N 136 
DR1 C13   C14    sing Y N 137 
DR1 C13   H13    sing N N 138 
DR1 C14   C15    doub Y N 139 
DR1 C15   N16    sing Y N 140 
DR1 N16   C17    sing Y N 141 
DR1 N16   C18    sing N N 142 
DR1 C18   H181   sing N N 143 
DR1 C18   H182   sing N N 144 
DR1 C18   H183   sing N N 145 
DT  OP3   P      sing N N 146 
DT  OP3   HOP3   sing N N 147 
DT  P     OP1    doub N N 148 
DT  P     OP2    sing N N 149 
DT  P     "O5'"  sing N N 150 
DT  OP2   HOP2   sing N N 151 
DT  "O5'" "C5'"  sing N N 152 
DT  "C5'" "C4'"  sing N N 153 
DT  "C5'" "H5'"  sing N N 154 
DT  "C5'" "H5''" sing N N 155 
DT  "C4'" "O4'"  sing N N 156 
DT  "C4'" "C3'"  sing N N 157 
DT  "C4'" "H4'"  sing N N 158 
DT  "O4'" "C1'"  sing N N 159 
DT  "C3'" "O3'"  sing N N 160 
DT  "C3'" "C2'"  sing N N 161 
DT  "C3'" "H3'"  sing N N 162 
DT  "O3'" "HO3'" sing N N 163 
DT  "C2'" "C1'"  sing N N 164 
DT  "C2'" "H2'"  sing N N 165 
DT  "C2'" "H2''" sing N N 166 
DT  "C1'" N1     sing N N 167 
DT  "C1'" "H1'"  sing N N 168 
DT  N1    C2     sing N N 169 
DT  N1    C6     sing N N 170 
DT  C2    O2     doub N N 171 
DT  C2    N3     sing N N 172 
DT  N3    C4     sing N N 173 
DT  N3    H3     sing N N 174 
DT  C4    O4     doub N N 175 
DT  C4    C5     sing N N 176 
DT  C5    C7     sing N N 177 
DT  C5    C6     doub N N 178 
DT  C7    H71    sing N N 179 
DT  C7    H72    sing N N 180 
DT  C7    H73    sing N N 181 
DT  C6    H6     sing N N 182 
HOH O     H1     sing N N 183 
HOH O     H2     sing N N 184 
# 
_ndb_struct_conf_na.entry_id   1K9G 
_ndb_struct_conf_na.feature    'b-form double helix' 
# 
loop_
_ndb_struct_na_base_pair.model_number 
_ndb_struct_na_base_pair.i_label_asym_id 
_ndb_struct_na_base_pair.i_label_comp_id 
_ndb_struct_na_base_pair.i_label_seq_id 
_ndb_struct_na_base_pair.i_symmetry 
_ndb_struct_na_base_pair.j_label_asym_id 
_ndb_struct_na_base_pair.j_label_comp_id 
_ndb_struct_na_base_pair.j_label_seq_id 
_ndb_struct_na_base_pair.j_symmetry 
_ndb_struct_na_base_pair.shear 
_ndb_struct_na_base_pair.stretch 
_ndb_struct_na_base_pair.stagger 
_ndb_struct_na_base_pair.buckle 
_ndb_struct_na_base_pair.propeller 
_ndb_struct_na_base_pair.opening 
_ndb_struct_na_base_pair.pair_number 
_ndb_struct_na_base_pair.pair_name 
_ndb_struct_na_base_pair.i_auth_asym_id 
_ndb_struct_na_base_pair.i_auth_seq_id 
_ndb_struct_na_base_pair.i_PDB_ins_code 
_ndb_struct_na_base_pair.j_auth_asym_id 
_ndb_struct_na_base_pair.j_auth_seq_id 
_ndb_struct_na_base_pair.j_PDB_ins_code 
_ndb_struct_na_base_pair.hbond_type_28 
_ndb_struct_na_base_pair.hbond_type_12 
1 A DC 1 1_555 A DG 6 4_675 0.186  -0.190 0.119  1.602  -10.972 -0.939 1 A_DC1:DG6_A A 1 ? A 6 ? 19 1 
1 A DC 2 1_555 A DG 5 4_675 0.159  -0.140 0.409  -9.873 -1.689  -1.057 2 A_DC2:DG5_A A 2 ? A 5 ? 19 1 
1 A DT 3 1_555 A DA 4 4_675 -0.050 -0.202 -0.003 3.578  -12.349 -1.593 3 A_DT3:DA4_A A 3 ? A 4 ? 20 1 
1 A DA 4 1_555 A DT 3 4_675 0.050  -0.202 -0.003 -3.578 -12.349 -1.593 4 A_DA4:DT3_A A 4 ? A 3 ? 20 1 
1 A DG 5 1_555 A DC 2 4_675 -0.159 -0.140 0.409  9.873  -1.689  -1.057 5 A_DG5:DC2_A A 5 ? A 2 ? 19 1 
1 A DG 6 1_555 A DC 1 4_675 -0.186 -0.190 0.119  -1.602 -10.972 -0.939 6 A_DG6:DC1_A A 6 ? A 1 ? 19 1 
# 
loop_
_ndb_struct_na_base_pair_step.model_number 
_ndb_struct_na_base_pair_step.i_label_asym_id_1 
_ndb_struct_na_base_pair_step.i_label_comp_id_1 
_ndb_struct_na_base_pair_step.i_label_seq_id_1 
_ndb_struct_na_base_pair_step.i_symmetry_1 
_ndb_struct_na_base_pair_step.j_label_asym_id_1 
_ndb_struct_na_base_pair_step.j_label_comp_id_1 
_ndb_struct_na_base_pair_step.j_label_seq_id_1 
_ndb_struct_na_base_pair_step.j_symmetry_1 
_ndb_struct_na_base_pair_step.i_label_asym_id_2 
_ndb_struct_na_base_pair_step.i_label_comp_id_2 
_ndb_struct_na_base_pair_step.i_label_seq_id_2 
_ndb_struct_na_base_pair_step.i_symmetry_2 
_ndb_struct_na_base_pair_step.j_label_asym_id_2 
_ndb_struct_na_base_pair_step.j_label_comp_id_2 
_ndb_struct_na_base_pair_step.j_label_seq_id_2 
_ndb_struct_na_base_pair_step.j_symmetry_2 
_ndb_struct_na_base_pair_step.shift 
_ndb_struct_na_base_pair_step.slide 
_ndb_struct_na_base_pair_step.rise 
_ndb_struct_na_base_pair_step.tilt 
_ndb_struct_na_base_pair_step.roll 
_ndb_struct_na_base_pair_step.twist 
_ndb_struct_na_base_pair_step.x_displacement 
_ndb_struct_na_base_pair_step.y_displacement 
_ndb_struct_na_base_pair_step.helical_rise 
_ndb_struct_na_base_pair_step.inclination 
_ndb_struct_na_base_pair_step.tip 
_ndb_struct_na_base_pair_step.helical_twist 
_ndb_struct_na_base_pair_step.step_number 
_ndb_struct_na_base_pair_step.step_name 
_ndb_struct_na_base_pair_step.i_auth_asym_id_1 
_ndb_struct_na_base_pair_step.i_auth_seq_id_1 
_ndb_struct_na_base_pair_step.i_PDB_ins_code_1 
_ndb_struct_na_base_pair_step.j_auth_asym_id_1 
_ndb_struct_na_base_pair_step.j_auth_seq_id_1 
_ndb_struct_na_base_pair_step.j_PDB_ins_code_1 
_ndb_struct_na_base_pair_step.i_auth_asym_id_2 
_ndb_struct_na_base_pair_step.i_auth_seq_id_2 
_ndb_struct_na_base_pair_step.i_PDB_ins_code_2 
_ndb_struct_na_base_pair_step.j_auth_asym_id_2 
_ndb_struct_na_base_pair_step.j_auth_seq_id_2 
_ndb_struct_na_base_pair_step.j_PDB_ins_code_2 
1 A DC 1 1_555 A DG 6 4_675 A DC 2 1_555 A DG 5 4_675 0.113  0.397 6.943 -1.938 0.619  23.982 0.529  -1.592 6.920 1.485  4.654  
24.066 1 AA_DC1DC2:DG5DG6_AA A 1 ? A 6 ? A 2 ? A 5 ? 
1 A DC 2 1_555 A DG 5 4_675 A DT 3 1_555 A DA 4 4_675 -0.468 0.112 2.977 3.812  3.923  26.960 -0.633 1.829  2.872 8.306  -8.072 
27.500 2 AA_DC2DT3:DA4DG5_AA A 2 ? A 5 ? A 3 ? A 4 ? 
1 A DT 3 1_555 A DA 4 4_675 A DA 4 1_555 A DT 3 4_675 0.000  1.853 3.357 0.000  -3.668 50.822 2.412  0.000  3.225 -4.267 0.000  
50.945 3 AA_DT3DA4:DT3DA4_AA A 3 ? A 4 ? A 4 ? A 3 ? 
1 A DA 4 1_555 A DT 3 4_675 A DG 5 1_555 A DC 2 4_675 0.468  0.112 2.977 -3.812 3.923  26.960 -0.633 -1.829 2.872 8.306  8.072  
27.500 4 AA_DA4DG5:DC2DT3_AA A 4 ? A 3 ? A 5 ? A 2 ? 
1 A DG 5 1_555 A DC 2 4_675 A DG 6 1_555 A DC 1 4_675 -0.113 0.397 6.943 1.938  0.619  23.982 0.529  1.592  6.920 1.485  -4.654 
24.066 5 AA_DG5DG6:DC1DC2_AA A 5 ? A 2 ? A 6 ? A 1 ? 
# 
_atom_sites.entry_id                    1K9G 
_atom_sites.fract_transf_matrix[1][1]   -0.02141752 
_atom_sites.fract_transf_matrix[1][2]   -0.00081523 
_atom_sites.fract_transf_matrix[1][3]   -0.03203260 
_atom_sites.fract_transf_matrix[2][1]   -0.02414516 
_atom_sites.fract_transf_matrix[2][2]   -0.02937332 
_atom_sites.fract_transf_matrix[2][3]   -0.00629509 
_atom_sites.fract_transf_matrix[3][1]   -0.01834632 
_atom_sites.fract_transf_matrix[3][2]   0.01252025 
_atom_sites.fract_transf_matrix[3][3]   0.01194801 
_atom_sites.fract_transf_vector[1]      0.391869 
_atom_sites.fract_transf_vector[2]      0.883573 
_atom_sites.fract_transf_vector[3]      -0.004743 
# 
loop_
_atom_type.symbol 
C 
N 
O 
P 
# 
loop_
_atom_site.group_PDB 
_atom_site.id 
_atom_site.type_symbol 
_atom_site.label_atom_id 
_atom_site.label_alt_id 
_atom_site.label_comp_id 
_atom_site.label_asym_id 
_atom_site.label_entity_id 
_atom_site.label_seq_id 
_atom_site.pdbx_PDB_ins_code 
_atom_site.Cartn_x 
_atom_site.Cartn_y 
_atom_site.Cartn_z 
_atom_site.occupancy 
_atom_site.B_iso_or_equiv 
_atom_site.pdbx_formal_charge 
_atom_site.auth_seq_id 
_atom_site.auth_comp_id 
_atom_site.auth_asym_id 
_atom_site.auth_atom_id 
_atom_site.pdbx_PDB_model_num 
ATOM   1   O "O5'" . DC  A 1 1 ? 8.946   4.449   -8.594  1.00 11.47 ? 1    DC  A "O5'" 1 
ATOM   2   C "C5'" . DC  A 1 1 ? 9.975   4.825   -7.681  1.00 11.29 ? 1    DC  A "C5'" 1 
ATOM   3   C "C4'" . DC  A 1 1 ? 9.399   5.152   -6.336  1.00 12.66 ? 1    DC  A "C4'" 1 
ATOM   4   O "O4'" . DC  A 1 1 ? 8.469   6.264   -6.451  1.00 11.71 ? 1    DC  A "O4'" 1 
ATOM   5   C "C3'" . DC  A 1 1 ? 8.606   4.005   -5.687  1.00 13.42 ? 1    DC  A "C3'" 1 
ATOM   6   O "O3'" . DC  A 1 1 ? 9.531   3.182   -4.968  1.00 12.69 ? 1    DC  A "O3'" 1 
ATOM   7   C "C2'" . DC  A 1 1 ? 7.612   4.719   -4.856  1.00 14.07 ? 1    DC  A "C2'" 1 
ATOM   8   C "C1'" . DC  A 1 1 ? 7.399   6.068   -5.506  1.00 13.72 ? 1    DC  A "C1'" 1 
ATOM   9   N N1    . DC  A 1 1 ? 6.186   6.255   -6.322  1.00 10.68 ? 1    DC  A N1    1 
ATOM   10  C C2    . DC  A 1 1 ? 5.121   6.982   -5.823  1.00 12.89 ? 1    DC  A C2    1 
ATOM   11  O O2    . DC  A 1 1 ? 5.249   7.446   -4.687  1.00 14.45 ? 1    DC  A O2    1 
ATOM   12  N N3    . DC  A 1 1 ? 4.025   7.153   -6.559  1.00 10.15 ? 1    DC  A N3    1 
ATOM   13  C C4    . DC  A 1 1 ? 3.924   6.636   -7.783  1.00 11.76 ? 1    DC  A C4    1 
ATOM   14  N N4    . DC  A 1 1 ? 2.810   6.835   -8.475  1.00 9.96  ? 1    DC  A N4    1 
ATOM   15  C C5    . DC  A 1 1 ? 5.000   5.872   -8.352  1.00 12.96 ? 1    DC  A C5    1 
ATOM   16  C C6    . DC  A 1 1 ? 6.089   5.715   -7.591  1.00 11.84 ? 1    DC  A C6    1 
ATOM   17  P P     . DC  A 1 2 ? 9.166   1.653   -4.601  1.00 20.79 ? 2    DC  A P     1 
ATOM   18  O OP1   . DC  A 1 2 ? 10.432  0.924   -4.299  1.00 21.07 ? 2    DC  A OP1   1 
ATOM   19  O OP2   . DC  A 1 2 ? 8.183   1.120   -5.550  1.00 20.58 ? 2    DC  A OP2   1 
ATOM   20  O "O5'" . DC  A 1 2 ? 8.442   1.939   -3.195  1.00 19.94 ? 2    DC  A "O5'" 1 
ATOM   21  C "C5'" . DC  A 1 2 ? 7.832   0.824   -2.525  1.00 24.47 ? 2    DC  A "C5'" 1 
ATOM   22  C "C4'" . DC  A 1 2 ? 6.970   1.357   -1.407  1.00 27.01 ? 2    DC  A "C4'" 1 
ATOM   23  O "O4'" . DC  A 1 2 ? 5.742   1.878   -1.918  1.00 26.59 ? 2    DC  A "O4'" 1 
ATOM   24  C "C3'" . DC  A 1 2 ? 6.556   0.289   -0.393  1.00 27.98 ? 2    DC  A "C3'" 1 
ATOM   25  O "O3'" . DC  A 1 2 ? 6.587   0.892   0.889   1.00 19.51 ? 2    DC  A "O3'" 1 
ATOM   26  C "C2'" . DC  A 1 2 ? 5.195   -0.139  -0.875  1.00 23.87 ? 2    DC  A "C2'" 1 
ATOM   27  C "C1'" . DC  A 1 2 ? 4.615   1.099   -1.508  1.00 18.98 ? 2    DC  A "C1'" 1 
ATOM   28  N N1    . DC  A 1 2 ? 3.801   0.956   -2.739  1.00 17.70 ? 2    DC  A N1    1 
ATOM   29  C C2    . DC  A 1 2 ? 2.464   1.423   -2.702  1.00 14.24 ? 2    DC  A C2    1 
ATOM   30  O O2    . DC  A 1 2 ? 2.083   1.917   -1.628  1.00 17.45 ? 2    DC  A O2    1 
ATOM   31  N N3    . DC  A 1 2 ? 1.725   1.296   -3.811  1.00 15.67 ? 2    DC  A N3    1 
ATOM   32  C C4    . DC  A 1 2 ? 2.178   0.759   -4.937  1.00 22.37 ? 2    DC  A C4    1 
ATOM   33  N N4    . DC  A 1 2 ? 1.377   0.666   -6.007  1.00 16.31 ? 2    DC  A N4    1 
ATOM   34  C C5    . DC  A 1 2 ? 3.526   0.276   -5.011  1.00 30.88 ? 2    DC  A C5    1 
ATOM   35  C C6    . DC  A 1 2 ? 4.261   0.407   -3.894  1.00 28.89 ? 2    DC  A C6    1 
ATOM   36  P P     . DT  A 1 3 ? 6.477   -0.057  2.201   1.00 24.91 ? 3    DT  A P     1 
ATOM   37  O OP1   . DT  A 1 3 ? 7.010   0.685   3.367   1.00 32.22 ? 3    DT  A OP1   1 
ATOM   38  O OP2   . DT  A 1 3 ? 6.918   -1.423  1.876   1.00 28.64 ? 3    DT  A OP2   1 
ATOM   39  O "O5'" . DT  A 1 3 ? 4.866   -0.092  2.371   1.00 22.35 ? 3    DT  A "O5'" 1 
ATOM   40  C "C5'" . DT  A 1 3 ? 4.211   1.111   2.807   1.00 22.08 ? 3    DT  A "C5'" 1 
ATOM   41  C "C4'" . DT  A 1 3 ? 2.756   0.753   3.007   1.00 21.06 ? 3    DT  A "C4'" 1 
ATOM   42  O "O4'" . DT  A 1 3 ? 2.107   0.555   1.733   1.00 20.15 ? 3    DT  A "O4'" 1 
ATOM   43  C "C3'" . DT  A 1 3 ? 2.487   -0.554  3.737   1.00 18.90 ? 3    DT  A "C3'" 1 
ATOM   44  O "O3'" . DT  A 1 3 ? 1.314   -0.461  4.485   1.00 22.00 ? 3    DT  A "O3'" 1 
ATOM   45  C "C2'" . DT  A 1 3 ? 2.289   -1.584  2.636   1.00 23.36 ? 3    DT  A "C2'" 1 
ATOM   46  C "C1'" . DT  A 1 3 ? 1.426   -0.718  1.722   1.00 19.79 ? 3    DT  A "C1'" 1 
ATOM   47  N N1    . DT  A 1 3 ? 1.276   -1.084  0.302   1.00 21.23 ? 3    DT  A N1    1 
ATOM   48  C C2    . DT  A 1 3 ? 0.149   -0.608  -0.340  1.00 15.47 ? 3    DT  A C2    1 
ATOM   49  O O2    . DT  A 1 3 ? -0.700  0.082   0.209   1.00 18.46 ? 3    DT  A O2    1 
ATOM   50  N N3    . DT  A 1 3 ? 0.047   -0.965  -1.643  1.00 13.69 ? 3    DT  A N3    1 
ATOM   51  C C4    . DT  A 1 3 ? 0.911   -1.726  -2.390  1.00 12.99 ? 3    DT  A C4    1 
ATOM   52  O O4    . DT  A 1 3 ? 0.671   -1.955  -3.555  1.00 19.86 ? 3    DT  A O4    1 
ATOM   53  C C5    . DT  A 1 3 ? 2.069   -2.192  -1.659  1.00 16.74 ? 3    DT  A C5    1 
ATOM   54  C C7    . DT  A 1 3 ? 3.027   -3.029  -2.463  1.00 26.96 ? 3    DT  A C7    1 
ATOM   55  C C6    . DT  A 1 3 ? 2.197   -1.859  -0.378  1.00 17.53 ? 3    DT  A C6    1 
ATOM   56  P P     . DA  A 1 4 ? 1.128   -0.701  6.045   1.00 23.84 ? 4    DA  A P     1 
ATOM   57  O OP1   . DA  A 1 4 ? 1.905   0.292   6.813   1.00 26.35 ? 4    DA  A OP1   1 
ATOM   58  O OP2   . DA  A 1 4 ? 1.222   -2.151  6.330   1.00 21.20 ? 4    DA  A OP2   1 
ATOM   59  O "O5'" . DA  A 1 4 ? -0.432  -0.308  6.225   1.00 23.33 ? 4    DA  A "O5'" 1 
ATOM   60  C "C5'" . DA  A 1 4 ? -0.869  0.991   5.821   1.00 24.73 ? 4    DA  A "C5'" 1 
ATOM   61  C "C4'" . DA  A 1 4 ? -2.339  0.853   5.487   1.00 21.11 ? 4    DA  A "C4'" 1 
ATOM   62  O "O4'" . DA  A 1 4 ? -2.497  0.245   4.181   1.00 18.05 ? 4    DA  A "O4'" 1 
ATOM   63  C "C3'" . DA  A 1 4 ? -3.124  -0.029  6.444   1.00 18.06 ? 4    DA  A "C3'" 1 
ATOM   64  O "O3'" . DA  A 1 4 ? -4.427  0.481   6.547   1.00 15.24 ? 4    DA  A "O3'" 1 
ATOM   65  C "C2'" . DA  A 1 4 ? -3.082  -1.392  5.786   1.00 19.69 ? 4    DA  A "C2'" 1 
ATOM   66  C "C1'" . DA  A 1 4 ? -3.135  -1.035  4.322   1.00 15.25 ? 4    DA  A "C1'" 1 
ATOM   67  N N9    . DA  A 1 4 ? -2.367  -1.893  3.399   1.00 15.36 ? 4    DA  A N9    1 
ATOM   68  C C8    . DA  A 1 4 ? -1.226  -2.592  3.736   1.00 17.12 ? 4    DA  A C8    1 
ATOM   69  N N7    . DA  A 1 4 ? -0.752  -3.269  2.726   1.00 16.28 ? 4    DA  A N7    1 
ATOM   70  C C5    . DA  A 1 4 ? -1.595  -3.020  1.668   1.00 14.82 ? 4    DA  A C5    1 
ATOM   71  C C6    . DA  A 1 4 ? -1.619  -3.450  0.333   1.00 14.95 ? 4    DA  A C6    1 
ATOM   72  N N6    . DA  A 1 4 ? -0.688  -4.282  -0.170  1.00 16.33 ? 4    DA  A N6    1 
ATOM   73  N N1    . DA  A 1 4 ? -2.613  -3.001  -0.444  1.00 11.94 ? 4    DA  A N1    1 
ATOM   74  C C2    . DA  A 1 4 ? -3.569  -2.158  0.032   1.00 10.89 ? 4    DA  A C2    1 
ATOM   75  N N3    . DA  A 1 4 ? -3.623  -1.701  1.285   1.00 11.29 ? 4    DA  A N3    1 
ATOM   76  C C4    . DA  A 1 4 ? -2.621  -2.158  2.057   1.00 11.05 ? 4    DA  A C4    1 
ATOM   77  P P     . DG  A 1 5 ? -5.565  -0.127  7.489   1.00 14.97 ? 5    DG  A P     1 
ATOM   78  O OP1   . DG  A 1 5 ? -6.444  0.977   7.939   1.00 15.25 ? 5    DG  A OP1   1 
ATOM   79  O OP2   . DG  A 1 5 ? -4.892  -0.976  8.528   1.00 20.20 ? 5    DG  A OP2   1 
ATOM   80  O "O5'" . DG  A 1 5 ? -6.342  -1.093  6.491   1.00 13.50 ? 5    DG  A "O5'" 1 
ATOM   81  C "C5'" . DG  A 1 5 ? -7.028  -0.486  5.362   1.00 14.66 ? 5    DG  A "C5'" 1 
ATOM   82  C "C4'" . DG  A 1 5 ? -7.614  -1.612  4.542   1.00 11.79 ? 5    DG  A "C4'" 1 
ATOM   83  O "O4'" . DG  A 1 5 ? -6.559  -2.307  3.843   1.00 11.83 ? 5    DG  A "O4'" 1 
ATOM   84  C "C3'" . DG  A 1 5 ? -8.323  -2.683  5.360   1.00 13.56 ? 5    DG  A "C3'" 1 
ATOM   85  O "O3'" . DG  A 1 5 ? -9.524  -3.037  4.734   1.00 14.47 ? 5    DG  A "O3'" 1 
ATOM   86  C "C2'" . DG  A 1 5 ? -7.355  -3.853  5.388   1.00 13.04 ? 5    DG  A "C2'" 1 
ATOM   87  C "C1'" . DG  A 1 5 ? -6.802  -3.731  3.986   1.00 11.35 ? 5    DG  A "C1'" 1 
ATOM   88  N N9    . DG  A 1 5 ? -5.531  -4.389  3.691   1.00 13.37 ? 5    DG  A N9    1 
ATOM   89  C C8    . DG  A 1 5 ? -4.488  -4.657  4.551   1.00 12.34 ? 5    DG  A C8    1 
ATOM   90  N N7    . DG  A 1 5 ? -3.489  -5.262  3.962   1.00 16.40 ? 5    DG  A N7    1 
ATOM   91  C C5    . DG  A 1 5 ? -3.901  -5.399  2.647   1.00 14.18 ? 5    DG  A C5    1 
ATOM   92  C C6    . DG  A 1 5 ? -3.256  -5.978  1.512   1.00 9.92  ? 5    DG  A C6    1 
ATOM   93  O O6    . DG  A 1 5 ? -2.141  -6.496  1.497   1.00 17.24 ? 5    DG  A O6    1 
ATOM   94  N N1    . DG  A 1 5 ? -4.023  -5.915  0.347   1.00 13.30 ? 5    DG  A N1    1 
ATOM   95  C C2    . DG  A 1 5 ? -5.273  -5.357  0.272   1.00 13.73 ? 5    DG  A C2    1 
ATOM   96  N N2    . DG  A 1 5 ? -5.867  -5.380  -0.920  1.00 13.40 ? 5    DG  A N2    1 
ATOM   97  N N3    . DG  A 1 5 ? -5.891  -4.812  1.321   1.00 12.79 ? 5    DG  A N3    1 
ATOM   98  C C4    . DG  A 1 5 ? -5.151  -4.872  2.454   1.00 12.72 ? 5    DG  A C4    1 
ATOM   99  P P     . DG  A 1 6 ? -10.735 -3.767  5.525   1.00 17.10 ? 6    DG  A P     1 
ATOM   100 O OP1   . DG  A 1 6 ? -11.965 -3.006  5.225   1.00 26.22 ? 6    DG  A OP1   1 
ATOM   101 O OP2   . DG  A 1 6 ? -10.288 -4.054  6.900   1.00 20.65 ? 6    DG  A OP2   1 
ATOM   102 O "O5'" . DG  A 1 6 ? -10.799 -5.173  4.767   1.00 19.43 ? 6    DG  A "O5'" 1 
ATOM   103 C "C5'" . DG  A 1 6 ? -11.018 -5.481  3.423   1.00 22.37 ? 6    DG  A "C5'" 1 
ATOM   104 C "C4'" . DG  A 1 6 ? -11.661 -6.851  3.273   1.00 13.93 ? 6    DG  A "C4'" 1 
ATOM   105 O "O4'" . DG  A 1 6 ? -10.625 -7.880  3.185   1.00 16.12 ? 6    DG  A "O4'" 1 
ATOM   106 C "C3'" . DG  A 1 6 ? -12.547 -7.325  4.399   1.00 15.70 ? 6    DG  A "C3'" 1 
ATOM   107 O "O3'" . DG  A 1 6 ? -13.744 -7.830  3.812   1.00 25.58 ? 6    DG  A "O3'" 1 
ATOM   108 C "C2'" . DG  A 1 6 ? -11.792 -8.418  5.119   1.00 16.57 ? 6    DG  A "C2'" 1 
ATOM   109 C "C1'" . DG  A 1 6 ? -10.968 -9.002  3.999   1.00 18.26 ? 6    DG  A "C1'" 1 
ATOM   110 N N9    . DG  A 1 6 ? -9.675  -9.615  4.360   1.00 11.82 ? 6    DG  A N9    1 
ATOM   111 C C8    . DG  A 1 6 ? -9.014  -9.667  5.552   1.00 11.97 ? 6    DG  A C8    1 
ATOM   112 N N7    . DG  A 1 6 ? -7.862  -10.313 5.490   1.00 12.75 ? 6    DG  A N7    1 
ATOM   113 C C5    . DG  A 1 6 ? -7.776  -10.703 4.173   1.00 12.21 ? 6    DG  A C5    1 
ATOM   114 C C6    . DG  A 1 6 ? -6.754  -11.437 3.508   1.00 14.28 ? 6    DG  A C6    1 
ATOM   115 O O6    . DG  A 1 6 ? -5.721  -11.864 4.033   1.00 13.18 ? 6    DG  A O6    1 
ATOM   116 N N1    . DG  A 1 6 ? -7.030  -11.637 2.160   1.00 11.55 ? 6    DG  A N1    1 
ATOM   117 C C2    . DG  A 1 6 ? -8.174  -11.176 1.529   1.00 12.88 ? 6    DG  A C2    1 
ATOM   118 N N2    . DG  A 1 6 ? -8.281  -11.461 0.211   1.00 13.91 ? 6    DG  A N2    1 
ATOM   119 N N3    . DG  A 1 6 ? -9.121  -10.497 2.146   1.00 13.12 ? 6    DG  A N3    1 
ATOM   120 C C4    . DG  A 1 6 ? -8.877  -10.292 3.443   1.00 11.91 ? 6    DG  A C4    1 
HETATM 121 C C1    . DR1 B 2 . ? -1.676  6.351   -5.959  1.00 25.71 ? 7    DR1 A C1    1 
HETATM 122 C C2    . DR1 B 2 . ? -2.508  7.029   -5.093  1.00 23.90 ? 7    DR1 A C2    1 
HETATM 123 C C3    . DR1 B 2 . ? -2.191  7.247   -3.765  1.00 20.22 ? 7    DR1 A C3    1 
HETATM 124 C C4    . DR1 B 2 . ? -0.998  6.787   -3.220  1.00 25.45 ? 7    DR1 A C4    1 
HETATM 125 C C5    . DR1 B 2 . ? -0.144  6.103   -4.072  1.00 20.62 ? 7    DR1 A C5    1 
HETATM 126 C C6    . DR1 B 2 . ? 1.024   5.655   -3.521  1.00 18.57 ? 7    DR1 A C6    1 
HETATM 127 C C7    . DR1 B 2 . ? 1.831   4.989   -4.388  1.00 15.83 ? 7    DR1 A C7    1 
HETATM 128 N N8    . DR1 B 2 . ? 3.045   4.462   -4.055  1.00 29.58 ? 7    DR1 A N8    1 
HETATM 129 C C9    . DR1 B 2 . ? 3.500   3.749   -5.269  1.00 17.01 ? 7    DR1 A C9    1 
HETATM 130 C C10   . DR1 B 2 . ? 4.647   2.949   -5.583  1.00 29.51 ? 7    DR1 A C10   1 
HETATM 131 C C11   . DR1 B 2 . ? 4.806   2.384   -6.845  1.00 31.59 ? 7    DR1 A C11   1 
HETATM 132 C C12   . DR1 B 2 . ? 3.851   2.594   -7.845  1.00 24.69 ? 7    DR1 A C12   1 
HETATM 133 C C13   . DR1 B 2 . ? 2.724   3.365   -7.520  1.00 33.06 ? 7    DR1 A C13   1 
HETATM 134 C C14   . DR1 B 2 . ? 2.580   3.974   -6.275  1.00 17.92 ? 7    DR1 A C14   1 
HETATM 135 C C15   . DR1 B 2 . ? 1.528   4.763   -5.731  1.00 23.16 ? 7    DR1 A C15   1 
HETATM 136 N N16   . DR1 B 2 . ? 0.439   5.191   -6.194  1.00 32.15 ? 7    DR1 A N16   1 
HETATM 137 C C17   . DR1 B 2 . ? -0.467  5.884   -5.408  1.00 20.93 ? 7    DR1 A C17   1 
HETATM 138 C C18   . DR1 B 2 . ? 0.091   4.967   -7.608  1.00 32.64 ? 7    DR1 A C18   1 
HETATM 139 C C1    . DR1 C 2 . ? 7.016   9.746   -6.456  0.50 11.05 ? 8    DR1 A C1    1 
HETATM 140 C C2    . DR1 C 2 . ? 7.610   9.136   -7.549  0.50 11.84 ? 8    DR1 A C2    1 
HETATM 141 C C3    . DR1 C 2 . ? 6.950   9.067   -8.778  0.50 12.54 ? 8    DR1 A C3    1 
HETATM 142 C C4    . DR1 C 2 . ? 5.680   9.623   -8.899  0.50 17.87 ? 8    DR1 A C4    1 
HETATM 143 C C5    . DR1 C 2 . ? 5.086   10.234  -7.802  0.50 9.77  ? 8    DR1 A C5    1 
HETATM 144 C C6    . DR1 C 2 . ? 3.832   10.762  -7.987  0.50 11.10 ? 8    DR1 A C6    1 
HETATM 145 C C7    . DR1 C 2 . ? 3.258   11.357  -6.909  0.50 13.41 ? 8    DR1 A C7    1 
HETATM 146 N N8    . DR1 C 2 . ? 2.021   11.933  -6.913  0.50 16.65 ? 8    DR1 A N8    1 
HETATM 147 C C9    . DR1 C 2 . ? 1.840   12.420  -5.534  0.50 11.90 ? 8    DR1 A C9    1 
HETATM 148 C C10   . DR1 C 2 . ? 0.764   13.116  -4.870  0.50 12.78 ? 8    DR1 A C10   1 
HETATM 149 C C11   . DR1 C 2 . ? 0.906   13.455  -3.536  0.50 14.52 ? 8    DR1 A C11   1 
HETATM 150 C C12   . DR1 C 2 . ? 2.051   13.120  -2.819  0.50 22.68 ? 8    DR1 A C12   1 
HETATM 151 C C13   . DR1 C 2 . ? 3.086   12.431  -3.464  0.50 21.89 ? 8    DR1 A C13   1 
HETATM 152 C C14   . DR1 C 2 . ? 2.965   12.090  -4.806  0.50 17.92 ? 8    DR1 A C14   1 
HETATM 153 C C15   . DR1 C 2 . ? 3.890   11.438  -5.676  0.50 16.57 ? 8    DR1 A C15   1 
HETATM 154 N N16   . DR1 C 2 . ? 5.044   10.940  -5.552  0.50 18.82 ? 8    DR1 A N16   1 
HETATM 155 C C17   . DR1 C 2 . ? 5.732   10.306  -6.580  0.50 13.41 ? 8    DR1 A C17   1 
HETATM 156 C C18   . DR1 C 2 . ? 5.728   11.019  -4.249  0.50 20.52 ? 8    DR1 A C18   1 
HETATM 157 O O     . HOH D 3 . ? 8.684   6.402   -10.469 1.00 12.22 ? 3001 HOH A O     1 
HETATM 158 O O     . HOH D 3 . ? -13.668 -1.454  4.234   1.00 21.82 ? 3002 HOH A O     1 
HETATM 159 O O     . HOH D 3 . ? 11.619  -0.393  -2.134  1.00 25.25 ? 3003 HOH A O     1 
HETATM 160 O O     . HOH D 3 . ? 1.711   -5.206  0.889   1.00 25.87 ? 3004 HOH A O     1 
HETATM 161 O O     . HOH D 3 . ? -4.628  -3.742  7.912   1.00 26.02 ? 3005 HOH A O     1 
HETATM 162 O O     . HOH D 3 . ? 2.896   -6.654  -1.993  1.00 33.78 ? 3006 HOH A O     1 
HETATM 163 O O     . HOH D 3 . ? 2.236   -3.472  -5.427  1.00 26.75 ? 3007 HOH A O     1 
HETATM 164 O O     . HOH D 3 . ? -6.224  -11.227 8.255   1.00 37.31 ? 3008 HOH A O     1 
HETATM 165 O O     . HOH D 3 . ? 9.661   1.871   -9.543  1.00 26.75 ? 3009 HOH A O     1 
HETATM 166 O O     . HOH D 3 . ? 0.660   -6.122  2.981   1.00 36.58 ? 3010 HOH A O     1 
HETATM 167 O O     . HOH D 3 . ? -4.378  -12.443 6.293   1.00 32.80 ? 3011 HOH A O     1 
HETATM 168 O O     . HOH D 3 . ? 1.390   -4.936  4.459   1.00 31.26 ? 3012 HOH A O     1 
HETATM 169 O O     . HOH D 3 . ? -1.507  1.394   9.269   1.00 38.10 ? 3013 HOH A O     1 
HETATM 170 O O     . HOH D 3 . ? 6.879   2.002   8.983   1.00 43.93 ? 3014 HOH A O     1 
HETATM 171 O O     . HOH D 3 . ? -11.608 -12.970 0.466   0.50 40.52 ? 3015 HOH A O     1 
HETATM 172 O O     . HOH D 3 . ? 2.629   3.657   0.228   1.00 25.90 ? 3016 HOH A O     1 
HETATM 173 O O     . HOH D 3 . ? 10.521  -2.665  -3.127  1.00 32.49 ? 3017 HOH A O     1 
HETATM 174 O O     . HOH D 3 . ? 10.012  -0.247  0.447   1.00 28.77 ? 3018 HOH A O     1 
HETATM 175 O O     . HOH D 3 . ? 4.466   -2.817  12.426  1.00 46.48 ? 3019 HOH A O     1 
HETATM 176 O O     . HOH D 3 . ? 4.983   -3.300  4.564   1.00 46.69 ? 3020 HOH A O     1 
HETATM 177 O O     . HOH D 3 . ? 4.943   -0.067  7.192   1.00 32.22 ? 3021 HOH A O     1 
HETATM 178 O O     . HOH D 3 . ? 6.460   -2.347  -3.898  1.00 25.54 ? 3022 HOH A O     1 
HETATM 179 O O     . HOH D 3 . ? 2.712   -0.766  -8.758  1.00 24.80 ? 3023 HOH A O     1 
HETATM 180 O O     . HOH D 3 . ? 5.447   -1.581  -8.232  1.00 25.15 ? 3026 HOH A O     1 
HETATM 181 O O     . HOH D 3 . ? -9.592  -10.541 -2.452  1.00 27.45 ? 3027 HOH A O     1 
HETATM 182 O O     . HOH D 3 . ? 5.313   -2.869  1.321   1.00 31.00 ? 3028 HOH A O     1 
HETATM 183 O O     . HOH D 3 . ? 2.252   3.361   5.286   1.00 44.10 ? 3029 HOH A O     1 
HETATM 184 O O     . HOH D 3 . ? 9.824   -1.883  1.558   1.00 41.61 ? 3030 HOH A O     1 
HETATM 185 O O     . HOH D 3 . ? -3.174  -1.292  9.880   1.00 47.56 ? 3031 HOH A O     1 
HETATM 186 O O     . HOH D 3 . ? -12.315 -5.159  8.237   1.00 34.06 ? 3032 HOH A O     1 
HETATM 187 O O     . HOH D 3 . ? -12.953 -1.968  9.049   1.00 36.63 ? 3033 HOH A O     1 
HETATM 188 O O     . HOH D 3 . ? -1.445  -6.056  5.740   1.00 29.75 ? 3034 HOH A O     1 
HETATM 189 O O     . HOH D 3 . ? -5.364  -1.318  10.984  1.00 44.92 ? 3035 HOH A O     1 
HETATM 190 O O     . HOH D 3 . ? -8.784  0.370   8.608   1.00 33.81 ? 3036 HOH A O     1 
HETATM 191 O O     . HOH D 3 . ? -9.700  -2.125  11.318  1.00 56.61 ? 3037 HOH A O     1 
HETATM 192 O O     . HOH D 3 . ? 4.453   0.939   4.914   1.00 43.93 ? 3038 HOH A O     1 
HETATM 193 O O     . HOH D 3 . ? 5.275   4.190   1.181   1.00 30.02 ? 3039 HOH A O     1 
# 
